data_8X2T
#
_entry.id   8X2T
#
_cell.length_a   191.882
_cell.length_b   29.952
_cell.length_c   73.792
_cell.angle_alpha   90.000
_cell.angle_beta   107.674
_cell.angle_gamma   90.000
#
_symmetry.space_group_name_H-M   'C 1 2 1'
#
loop_
_entity.id
_entity.type
_entity.pdbx_description
1 polymer 'Tyrosine-protein kinase Fes/Fps'
2 water water
#
_entity_poly.entity_id   1
_entity_poly.type   'polypeptide(L)'
_entity_poly.pdbx_seq_one_letter_code
;GMGFSSELCSPQGHGVLQQMQEAELRLLEGMRKWMAQRVKSDREYAGLLHHMSLQDSGGQSRAISPDSPISQSWAEITSQ
TEGLSRLLRQHAEDLNSGPLSKLSLLIRERQQLRKTYSEQWQQLQQELTKTHSQDIEKLKSQYRALARDSAQAKRKYQEA
SKDKDRDKAKDKYVRSLWKLFAHHNRYVLGVRAAQLHHQHHHQLLLPGLLRSLQDLHEEMACILKEILQEYLEISSLVQD
EVVAIHREMAAAAARIQPEAEYQGFLRQYGSAPDVPPCVTFDESLLEEGEPLEPGELQLNELTVESVQHTLTSVTDELAV
ATEMVFRRQEMVTQLQQELRNEEENTHPRERVQLLGKRQVLQEALQGLQVALCSQAKLQAQQELLQTKLEHLGPGEPPPV
LLLQDD
;
_entity_poly.pdbx_strand_id   A
#
# COMPACT_ATOMS: atom_id res chain seq x y z
N GLY A 1 37.86 -12.24 24.12
CA GLY A 1 37.17 -11.86 22.84
C GLY A 1 37.75 -10.58 22.24
N MET A 2 37.32 -10.23 21.02
CA MET A 2 37.74 -9.00 20.30
C MET A 2 36.99 -7.80 20.88
N GLY A 3 37.58 -6.61 20.77
CA GLY A 3 36.97 -5.33 21.18
C GLY A 3 37.83 -4.15 20.75
N PHE A 4 37.28 -2.93 20.85
CA PHE A 4 37.98 -1.65 20.59
C PHE A 4 39.18 -1.54 21.53
N SER A 5 38.96 -1.93 22.79
CA SER A 5 39.93 -1.84 23.92
C SER A 5 41.18 -2.69 23.65
N SER A 6 41.04 -3.80 22.93
CA SER A 6 42.11 -4.82 22.70
C SER A 6 42.67 -4.73 21.27
N GLU A 7 41.83 -4.47 20.26
CA GLU A 7 42.19 -4.57 18.83
C GLU A 7 42.51 -3.19 18.22
N LEU A 8 41.85 -2.13 18.72
CA LEU A 8 42.02 -0.74 18.20
C LEU A 8 42.68 0.14 19.27
N CYS A 9 43.60 -0.44 20.05
CA CYS A 9 44.43 0.28 21.07
C CYS A 9 45.75 0.70 20.43
N SER A 10 45.67 1.48 19.35
CA SER A 10 46.80 2.01 18.56
C SER A 10 46.40 3.31 17.88
N PRO A 11 47.35 4.24 17.61
CA PRO A 11 47.05 5.48 16.90
C PRO A 11 46.40 5.23 15.52
N GLN A 12 46.76 4.12 14.87
CA GLN A 12 46.12 3.61 13.63
C GLN A 12 44.64 3.33 13.91
N GLY A 13 44.36 2.58 14.99
CA GLY A 13 43.02 2.19 15.44
C GLY A 13 42.14 3.37 15.77
N HIS A 14 42.74 4.48 16.21
CA HIS A 14 42.03 5.77 16.49
C HIS A 14 41.46 6.32 15.18
N GLY A 15 42.30 6.44 14.15
CA GLY A 15 41.92 6.86 12.79
C GLY A 15 40.80 6.01 12.23
N VAL A 16 40.90 4.69 12.42
CA VAL A 16 39.86 3.67 12.04
C VAL A 16 38.53 4.07 12.70
N LEU A 17 38.53 4.26 14.03
CA LEU A 17 37.30 4.53 14.84
C LEU A 17 36.73 5.92 14.50
N GLN A 18 37.59 6.91 14.23
CA GLN A 18 37.17 8.28 13.86
C GLN A 18 36.43 8.24 12.52
N GLN A 19 36.84 7.35 11.59
CA GLN A 19 36.23 7.19 10.25
C GLN A 19 34.89 6.46 10.37
N MET A 20 34.82 5.39 11.16
CA MET A 20 33.58 4.64 11.46
C MET A 20 32.49 5.62 11.92
N GLN A 21 32.81 6.43 12.95
CA GLN A 21 31.90 7.44 13.55
C GLN A 21 31.33 8.34 12.45
N GLU A 22 32.16 8.73 11.48
CA GLU A 22 31.76 9.58 10.32
C GLU A 22 30.89 8.75 9.36
N ALA A 23 31.30 7.52 9.08
CA ALA A 23 30.63 6.58 8.14
C ALA A 23 29.26 6.16 8.68
N GLU A 24 29.11 6.12 10.02
CA GLU A 24 27.84 5.74 10.70
C GLU A 24 26.88 6.94 10.70
N LEU A 25 27.38 8.15 10.92
CA LEU A 25 26.59 9.41 10.80
C LEU A 25 26.16 9.58 9.34
N ARG A 26 27.04 9.24 8.38
CA ARG A 26 26.77 9.31 6.92
C ARG A 26 25.61 8.37 6.57
N LEU A 27 25.53 7.21 7.23
CA LEU A 27 24.45 6.21 7.03
C LEU A 27 23.14 6.75 7.64
N LEU A 28 23.18 7.14 8.92
CA LEU A 28 22.00 7.62 9.70
C LEU A 28 21.42 8.87 9.04
N GLU A 29 22.26 9.70 8.42
CA GLU A 29 21.85 10.90 7.64
C GLU A 29 21.03 10.44 6.43
N GLY A 30 21.47 9.36 5.76
CA GLY A 30 20.76 8.72 4.64
C GLY A 30 19.43 8.12 5.09
N MET A 31 19.41 7.51 6.28
CA MET A 31 18.22 6.89 6.91
C MET A 31 17.16 7.96 7.19
N ARG A 32 17.59 9.18 7.56
CA ARG A 32 16.70 10.32 7.89
C ARG A 32 16.00 10.79 6.61
N LYS A 33 16.77 11.03 5.53
CA LYS A 33 16.26 11.43 4.20
C LYS A 33 15.30 10.36 3.67
N TRP A 34 15.68 9.08 3.83
CA TRP A 34 14.91 7.89 3.40
C TRP A 34 13.53 7.87 4.08
N MET A 35 13.52 8.00 5.41
CA MET A 35 12.29 8.02 6.25
C MET A 35 11.46 9.28 5.92
N ALA A 36 12.12 10.42 5.73
CA ALA A 36 11.48 11.74 5.46
C ALA A 36 10.73 11.70 4.12
N GLN A 37 11.19 10.90 3.16
CA GLN A 37 10.53 10.71 1.84
C GLN A 37 9.31 9.80 2.01
N ARG A 38 9.36 8.85 2.95
CA ARG A 38 8.22 7.96 3.27
C ARG A 38 7.12 8.76 3.95
N VAL A 39 7.49 9.81 4.70
CA VAL A 39 6.52 10.80 5.29
C VAL A 39 5.85 11.54 4.14
N LYS A 40 6.65 12.04 3.19
CA LYS A 40 6.17 12.74 1.96
C LYS A 40 5.29 11.78 1.13
N SER A 41 5.74 10.52 0.99
CA SER A 41 5.08 9.47 0.18
C SER A 41 3.65 9.21 0.70
N ASP A 42 3.51 8.97 2.00
CA ASP A 42 2.25 8.52 2.65
C ASP A 42 1.26 9.69 2.72
N ARG A 43 1.73 10.93 2.82
CA ARG A 43 0.88 12.16 2.90
C ARG A 43 0.24 12.44 1.54
N GLU A 44 1.04 12.44 0.47
CA GLU A 44 0.57 12.71 -0.92
C GLU A 44 -0.36 11.57 -1.37
N TYR A 45 -0.07 10.33 -0.97
CA TYR A 45 -0.91 9.13 -1.25
C TYR A 45 -2.27 9.31 -0.55
N ALA A 46 -2.26 9.77 0.71
CA ALA A 46 -3.46 10.13 1.50
C ALA A 46 -4.25 11.21 0.74
N GLY A 47 -3.56 12.22 0.22
CA GLY A 47 -4.15 13.29 -0.62
C GLY A 47 -4.68 12.76 -1.95
N LEU A 48 -3.98 11.79 -2.54
CA LEU A 48 -4.36 11.14 -3.83
C LEU A 48 -5.58 10.23 -3.61
N LEU A 49 -5.60 9.47 -2.51
CA LEU A 49 -6.72 8.57 -2.14
C LEU A 49 -7.93 9.40 -1.68
N HIS A 50 -7.68 10.58 -1.09
CA HIS A 50 -8.74 11.51 -0.61
C HIS A 50 -9.47 12.14 -1.81
N HIS A 51 -8.75 12.41 -2.90
CA HIS A 51 -9.25 13.09 -4.12
C HIS A 51 -10.21 12.17 -4.89
N MET A 52 -10.15 10.84 -4.66
CA MET A 52 -11.04 9.83 -5.27
C MET A 52 -12.51 10.20 -4.99
N SER A 53 -12.82 10.53 -3.72
CA SER A 53 -14.15 11.02 -3.27
C SER A 53 -14.19 12.55 -3.30
N PRO A 66 -32.71 5.27 -3.99
CA PRO A 66 -31.31 5.05 -3.58
C PRO A 66 -31.17 4.02 -2.45
N ASP A 67 -32.08 3.03 -2.41
CA ASP A 67 -32.07 1.91 -1.42
C ASP A 67 -31.55 0.64 -2.12
N SER A 68 -30.62 0.80 -3.06
CA SER A 68 -30.03 -0.29 -3.89
C SER A 68 -28.94 -1.01 -3.08
N PRO A 69 -28.89 -2.36 -3.13
CA PRO A 69 -27.78 -3.11 -2.52
C PRO A 69 -26.39 -2.63 -2.96
N ILE A 70 -26.24 -2.35 -4.27
CA ILE A 70 -24.97 -1.91 -4.91
C ILE A 70 -24.65 -0.48 -4.44
N SER A 71 -25.65 0.42 -4.45
CA SER A 71 -25.53 1.84 -4.03
C SER A 71 -25.12 1.91 -2.56
N GLN A 72 -25.70 1.06 -1.71
CA GLN A 72 -25.36 0.91 -0.26
C GLN A 72 -23.92 0.39 -0.14
N SER A 73 -23.56 -0.63 -0.93
CA SER A 73 -22.23 -1.28 -0.95
C SER A 73 -21.18 -0.29 -1.48
N TRP A 74 -21.49 0.41 -2.57
CA TRP A 74 -20.64 1.46 -3.18
C TRP A 74 -20.30 2.53 -2.14
N ALA A 75 -21.32 3.00 -1.40
CA ALA A 75 -21.22 4.06 -0.37
C ALA A 75 -20.23 3.64 0.73
N GLU A 76 -20.14 2.34 1.03
CA GLU A 76 -19.22 1.79 2.05
C GLU A 76 -17.79 1.73 1.49
N ILE A 77 -17.60 1.11 0.32
CA ILE A 77 -16.27 0.89 -0.31
C ILE A 77 -15.58 2.24 -0.53
N THR A 78 -16.34 3.27 -0.94
CA THR A 78 -15.85 4.67 -1.13
C THR A 78 -15.57 5.32 0.23
N SER A 79 -16.43 5.11 1.21
CA SER A 79 -16.33 5.67 2.59
C SER A 79 -15.16 5.02 3.34
N GLN A 80 -14.90 3.73 3.10
CA GLN A 80 -13.80 2.96 3.75
C GLN A 80 -12.46 3.32 3.10
N THR A 81 -12.47 3.63 1.79
CA THR A 81 -11.29 4.12 1.03
C THR A 81 -10.87 5.49 1.57
N GLU A 82 -11.84 6.30 2.01
CA GLU A 82 -11.60 7.56 2.78
C GLU A 82 -10.92 7.22 4.10
N GLY A 83 -11.44 6.22 4.82
CA GLY A 83 -10.87 5.68 6.06
C GLY A 83 -9.41 5.29 5.89
N LEU A 84 -9.07 4.71 4.73
CA LEU A 84 -7.68 4.34 4.34
C LEU A 84 -6.85 5.63 4.19
N SER A 85 -7.32 6.58 3.40
CA SER A 85 -6.64 7.87 3.10
C SER A 85 -6.23 8.55 4.42
N ARG A 86 -7.16 8.64 5.38
CA ARG A 86 -6.93 9.27 6.71
C ARG A 86 -5.89 8.48 7.50
N LEU A 87 -5.89 7.15 7.35
CA LEU A 87 -4.95 6.23 8.07
C LEU A 87 -3.52 6.46 7.57
N LEU A 88 -3.33 6.66 6.26
CA LEU A 88 -2.01 6.93 5.63
C LEU A 88 -1.47 8.28 6.10
N ARG A 89 -2.36 9.25 6.36
CA ARG A 89 -1.99 10.59 6.89
C ARG A 89 -1.46 10.45 8.32
N GLN A 90 -2.11 9.59 9.13
CA GLN A 90 -1.72 9.30 10.54
C GLN A 90 -0.35 8.61 10.56
N HIS A 91 -0.12 7.67 9.63
CA HIS A 91 1.18 6.95 9.44
C HIS A 91 2.32 7.96 9.30
N ALA A 92 2.15 8.93 8.40
CA ALA A 92 3.16 9.97 8.05
C ALA A 92 3.43 10.87 9.27
N GLU A 93 2.38 11.23 10.02
CA GLU A 93 2.47 12.14 11.19
C GLU A 93 3.18 11.43 12.35
N ASP A 94 2.83 10.18 12.63
CA ASP A 94 3.45 9.33 13.68
C ASP A 94 4.92 9.08 13.35
N LEU A 95 5.20 8.80 12.07
CA LEU A 95 6.58 8.55 11.56
C LEU A 95 7.43 9.81 11.75
N ASN A 96 6.87 10.97 11.39
CA ASN A 96 7.52 12.30 11.49
C ASN A 96 7.85 12.60 12.97
N SER A 97 6.89 12.39 13.87
CA SER A 97 6.98 12.72 15.32
C SER A 97 7.69 11.60 16.10
N GLY A 98 7.70 10.38 15.57
CA GLY A 98 8.25 9.18 16.24
C GLY A 98 9.67 8.86 15.79
N PRO A 99 9.87 7.77 15.01
CA PRO A 99 11.21 7.27 14.70
C PRO A 99 12.13 8.23 13.94
N LEU A 100 11.56 9.18 13.17
CA LEU A 100 12.32 10.21 12.43
C LEU A 100 12.97 11.18 13.43
N SER A 101 12.17 11.73 14.36
CA SER A 101 12.60 12.69 15.41
C SER A 101 13.62 12.02 16.34
N LYS A 102 13.47 10.72 16.59
CA LYS A 102 14.39 9.90 17.42
C LYS A 102 15.72 9.72 16.67
N LEU A 103 15.65 9.45 15.36
CA LEU A 103 16.84 9.27 14.47
C LEU A 103 17.63 10.58 14.41
N SER A 104 16.94 11.72 14.35
CA SER A 104 17.53 13.08 14.37
C SER A 104 18.33 13.28 15.66
N LEU A 105 17.76 12.90 16.80
CA LEU A 105 18.39 13.02 18.15
C LEU A 105 19.63 12.12 18.23
N LEU A 106 19.55 10.91 17.67
CA LEU A 106 20.68 9.94 17.62
C LEU A 106 21.86 10.56 16.86
N ILE A 107 21.58 11.29 15.78
CA ILE A 107 22.59 12.00 14.94
C ILE A 107 23.25 13.11 15.77
N ARG A 108 22.46 13.85 16.56
CA ARG A 108 22.93 15.02 17.35
C ARG A 108 23.86 14.55 18.48
N GLU A 109 23.52 13.45 19.16
CA GLU A 109 24.32 12.89 20.28
C GLU A 109 25.60 12.26 19.74
N ARG A 110 25.56 11.66 18.55
CA ARG A 110 26.74 11.07 17.85
C ARG A 110 27.72 12.19 17.47
N GLN A 111 27.20 13.36 17.07
CA GLN A 111 28.01 14.54 16.64
C GLN A 111 28.83 15.06 17.83
N GLN A 112 28.31 14.91 19.06
CA GLN A 112 29.06 15.22 20.32
C GLN A 112 30.16 14.18 20.53
N LEU A 113 29.83 12.88 20.41
CA LEU A 113 30.73 11.74 20.68
C LEU A 113 31.99 11.84 19.81
N ARG A 114 31.85 12.33 18.57
CA ARG A 114 32.98 12.60 17.65
C ARG A 114 34.01 13.50 18.37
N LYS A 115 33.55 14.64 18.88
CA LYS A 115 34.38 15.67 19.56
C LYS A 115 34.87 15.14 20.90
N THR A 116 33.95 14.69 21.75
CA THR A 116 34.23 14.19 23.14
C THR A 116 35.34 13.14 23.09
N TYR A 117 35.14 12.06 22.32
CA TYR A 117 36.08 10.92 22.19
C TYR A 117 37.47 11.42 21.78
N SER A 118 37.55 12.17 20.68
CA SER A 118 38.80 12.61 20.03
C SER A 118 39.58 13.57 20.94
N GLU A 119 38.90 14.55 21.56
CA GLU A 119 39.52 15.57 22.44
C GLU A 119 39.90 14.93 23.79
N GLN A 120 39.14 13.90 24.22
CA GLN A 120 39.50 13.04 25.38
C GLN A 120 40.76 12.25 25.03
N TRP A 121 40.77 11.60 23.87
CA TRP A 121 41.88 10.72 23.37
C TRP A 121 43.17 11.52 23.27
N GLN A 122 43.10 12.75 22.73
CA GLN A 122 44.26 13.67 22.59
C GLN A 122 44.72 14.16 23.97
N GLN A 123 43.78 14.35 24.91
CA GLN A 123 44.06 14.80 26.29
C GLN A 123 44.91 13.73 27.01
N LEU A 124 44.61 12.45 26.78
CA LEU A 124 45.36 11.29 27.32
C LEU A 124 46.75 11.22 26.68
N GLN A 125 46.85 11.52 25.38
CA GLN A 125 48.12 11.50 24.60
C GLN A 125 49.05 12.62 25.09
N GLN A 126 48.49 13.79 25.42
CA GLN A 126 49.25 14.97 25.92
C GLN A 126 49.84 14.66 27.31
N GLU A 127 49.03 14.04 28.19
CA GLU A 127 49.43 13.65 29.57
C GLU A 127 50.63 12.70 29.51
N LEU A 128 50.55 11.65 28.69
CA LEU A 128 51.62 10.64 28.53
C LEU A 128 52.88 11.33 28.00
N THR A 129 52.76 12.11 26.92
CA THR A 129 53.88 12.88 26.29
C THR A 129 54.57 13.72 27.36
N LYS A 130 53.81 14.37 28.25
CA LYS A 130 54.36 15.26 29.31
C LYS A 130 55.14 14.43 30.33
N THR A 131 54.49 13.45 30.96
CA THR A 131 55.02 12.64 32.08
C THR A 131 56.09 11.66 31.56
N HIS A 132 55.83 11.00 30.43
CA HIS A 132 56.68 9.91 29.86
C HIS A 132 57.91 10.49 29.16
N SER A 133 57.75 11.57 28.39
CA SER A 133 58.78 12.11 27.47
C SER A 133 59.31 13.47 27.97
N GLN A 134 58.46 14.50 27.96
CA GLN A 134 58.87 15.93 28.13
C GLN A 134 59.54 16.12 29.49
N ASP A 135 58.83 15.81 30.59
CA ASP A 135 59.33 15.93 31.99
C ASP A 135 60.66 15.20 32.13
N ILE A 136 60.74 13.97 31.61
CA ILE A 136 61.94 13.07 31.69
C ILE A 136 63.13 13.74 31.00
N GLU A 137 62.93 14.28 29.80
CA GLU A 137 64.01 14.90 28.97
C GLU A 137 64.54 16.16 29.66
N LYS A 138 63.70 16.88 30.40
CA LYS A 138 64.08 18.09 31.19
C LYS A 138 64.88 17.66 32.43
N LEU A 139 64.52 16.52 33.03
CA LEU A 139 65.28 15.91 34.16
C LEU A 139 66.62 15.38 33.63
N LYS A 140 66.62 14.72 32.48
CA LYS A 140 67.84 14.16 31.81
C LYS A 140 68.84 15.29 31.53
N SER A 141 68.39 16.34 30.84
CA SER A 141 69.22 17.49 30.39
C SER A 141 69.88 18.18 31.59
N GLN A 142 69.15 18.30 32.70
CA GLN A 142 69.64 18.91 33.97
C GLN A 142 70.65 17.95 34.63
N TYR A 143 70.39 16.64 34.62
CA TYR A 143 71.26 15.60 35.21
C TYR A 143 72.62 15.60 34.51
N ARG A 144 72.64 15.85 33.19
CA ARG A 144 73.88 16.02 32.39
C ARG A 144 74.63 17.27 32.89
N ALA A 145 73.94 18.40 32.97
CA ALA A 145 74.48 19.74 33.34
C ALA A 145 75.14 19.66 34.72
N LEU A 146 74.43 19.13 35.72
CA LEU A 146 74.89 19.03 37.13
C LEU A 146 76.03 18.01 37.25
N ALA A 147 76.05 16.98 36.39
CA ALA A 147 77.10 15.93 36.36
C ALA A 147 78.39 16.52 35.80
N ARG A 148 78.29 17.31 34.72
CA ARG A 148 79.42 18.05 34.10
C ARG A 148 79.91 19.14 35.07
N ASP A 149 78.99 19.85 35.71
CA ASP A 149 79.26 20.96 36.68
C ASP A 149 80.05 20.41 37.87
N SER A 150 79.76 19.17 38.30
CA SER A 150 80.44 18.48 39.42
C SER A 150 81.83 18.01 38.99
N ALA A 151 81.96 17.48 37.77
CA ALA A 151 83.21 16.96 37.17
C ALA A 151 84.24 18.09 37.06
N GLN A 152 83.79 19.32 36.80
CA GLN A 152 84.63 20.54 36.72
C GLN A 152 85.21 20.85 38.12
N ALA A 153 84.35 20.81 39.15
CA ALA A 153 84.70 21.12 40.56
C ALA A 153 85.64 20.05 41.14
N LYS A 154 85.54 18.81 40.65
CA LYS A 154 86.43 17.67 41.06
C LYS A 154 87.85 17.94 40.55
N ARG A 155 87.98 18.30 39.27
CA ARG A 155 89.25 18.71 38.60
C ARG A 155 89.87 19.89 39.36
N LYS A 156 89.06 20.90 39.68
CA LYS A 156 89.48 22.16 40.36
C LYS A 156 89.89 21.87 41.82
N TYR A 157 89.51 20.70 42.33
CA TYR A 157 89.90 20.18 43.68
C TYR A 157 90.90 19.04 43.51
N ASP A 167 90.79 23.78 49.72
CA ASP A 167 90.23 24.77 50.69
C ASP A 167 88.79 25.12 50.28
N LYS A 168 88.62 25.95 49.25
CA LYS A 168 87.31 26.39 48.70
C LYS A 168 86.84 25.38 47.64
N ALA A 169 87.81 24.71 46.99
CA ALA A 169 87.58 23.69 45.94
C ALA A 169 86.79 22.50 46.51
N LYS A 170 87.00 22.19 47.80
CA LYS A 170 86.21 21.17 48.55
C LYS A 170 84.75 21.63 48.62
N ASP A 171 84.53 22.82 49.18
CA ASP A 171 83.19 23.39 49.49
C ASP A 171 82.35 23.45 48.20
N LYS A 172 82.90 24.00 47.12
CA LYS A 172 82.22 24.18 45.81
C LYS A 172 81.96 22.81 45.16
N TYR A 173 82.85 21.85 45.37
CA TYR A 173 82.72 20.45 44.89
C TYR A 173 81.68 19.70 45.73
N VAL A 174 81.59 20.02 47.03
CA VAL A 174 80.59 19.43 47.97
C VAL A 174 79.18 19.89 47.55
N ARG A 175 79.02 21.17 47.20
CA ARG A 175 77.72 21.74 46.73
C ARG A 175 77.31 21.05 45.43
N SER A 176 78.24 20.92 44.48
CA SER A 176 78.02 20.34 43.13
C SER A 176 77.52 18.90 43.25
N LEU A 177 78.03 18.14 44.23
CA LEU A 177 77.62 16.73 44.51
C LEU A 177 76.28 16.73 45.27
N TRP A 178 76.08 17.68 46.19
CA TRP A 178 74.81 17.85 46.95
C TRP A 178 73.63 17.92 45.96
N LYS A 179 73.75 18.76 44.94
CA LYS A 179 72.67 19.05 43.95
C LYS A 179 72.56 17.90 42.93
N LEU A 180 73.69 17.38 42.46
CA LEU A 180 73.75 16.22 41.52
C LEU A 180 72.95 15.05 42.11
N PHE A 181 73.19 14.72 43.37
CA PHE A 181 72.56 13.60 44.11
C PHE A 181 71.08 13.93 44.39
N ALA A 182 70.79 15.20 44.72
CA ALA A 182 69.42 15.72 44.96
C ALA A 182 68.60 15.61 43.67
N HIS A 183 69.21 15.95 42.52
CA HIS A 183 68.59 15.90 41.17
C HIS A 183 68.45 14.45 40.71
N HIS A 184 69.49 13.63 40.94
CA HIS A 184 69.51 12.17 40.65
C HIS A 184 68.24 11.52 41.22
N ASN A 185 67.95 11.77 42.50
CA ASN A 185 66.79 11.23 43.25
C ASN A 185 65.49 11.79 42.66
N ARG A 186 65.48 13.07 42.30
CA ARG A 186 64.32 13.77 41.69
C ARG A 186 64.02 13.16 40.30
N TYR A 187 65.07 12.71 39.60
CA TYR A 187 65.00 12.05 38.27
C TYR A 187 64.51 10.61 38.43
N VAL A 188 64.98 9.90 39.47
CA VAL A 188 64.54 8.52 39.82
C VAL A 188 63.01 8.52 39.99
N LEU A 189 62.49 9.44 40.80
CA LEU A 189 61.05 9.57 41.13
C LEU A 189 60.25 9.96 39.87
N GLY A 190 60.83 10.79 39.00
CA GLY A 190 60.25 11.16 37.70
C GLY A 190 60.10 9.97 36.78
N VAL A 191 61.09 9.06 36.79
CA VAL A 191 61.12 7.82 35.94
C VAL A 191 60.06 6.84 36.44
N ARG A 192 59.90 6.71 37.76
CA ARG A 192 58.91 5.78 38.39
C ARG A 192 57.49 6.29 38.12
N ALA A 193 57.28 7.60 38.16
CA ALA A 193 56.01 8.28 37.83
C ALA A 193 55.67 8.06 36.35
N ALA A 194 56.67 8.20 35.47
CA ALA A 194 56.57 8.01 34.00
C ALA A 194 56.27 6.54 33.68
N GLN A 195 56.96 5.61 34.36
CA GLN A 195 56.78 4.14 34.20
C GLN A 195 55.34 3.75 34.49
N LEU A 196 54.77 4.26 35.59
CA LEU A 196 53.43 3.85 36.10
C LEU A 196 52.33 4.57 35.32
N HIS A 197 52.64 5.69 34.67
CA HIS A 197 51.72 6.39 33.73
C HIS A 197 51.59 5.56 32.44
N HIS A 198 52.73 5.18 31.85
CA HIS A 198 52.84 4.29 30.67
C HIS A 198 52.07 2.99 30.92
N GLN A 199 52.15 2.47 32.15
CA GLN A 199 51.40 1.27 32.61
C GLN A 199 49.89 1.58 32.57
N HIS A 200 49.45 2.60 33.31
CA HIS A 200 48.02 2.98 33.48
C HIS A 200 47.44 3.54 32.19
N HIS A 201 48.27 4.05 31.27
CA HIS A 201 47.84 4.56 29.95
C HIS A 201 47.43 3.38 29.06
N HIS A 202 48.31 2.41 28.88
CA HIS A 202 48.20 1.32 27.88
C HIS A 202 47.42 0.12 28.43
N GLN A 203 47.18 0.07 29.74
CA GLN A 203 46.44 -1.03 30.42
C GLN A 203 45.02 -0.59 30.80
N LEU A 204 44.85 0.65 31.28
CA LEU A 204 43.58 1.12 31.91
C LEU A 204 42.99 2.31 31.14
N LEU A 205 43.71 3.43 31.03
CA LEU A 205 43.18 4.72 30.50
C LEU A 205 42.66 4.55 29.07
N LEU A 206 43.54 4.19 28.13
CA LEU A 206 43.21 4.11 26.67
C LEU A 206 42.31 2.90 26.40
N PRO A 207 42.61 1.69 26.90
CA PRO A 207 41.67 0.56 26.82
C PRO A 207 40.29 0.87 27.44
N GLY A 208 40.25 1.56 28.58
CA GLY A 208 39.02 1.97 29.27
C GLY A 208 38.17 2.89 28.43
N LEU A 209 38.80 3.80 27.67
CA LEU A 209 38.14 4.76 26.75
C LEU A 209 37.52 3.99 25.58
N LEU A 210 38.33 3.17 24.90
CA LEU A 210 37.92 2.37 23.70
C LEU A 210 36.78 1.42 24.09
N ARG A 211 36.85 0.82 25.28
CA ARG A 211 35.79 -0.03 25.89
C ARG A 211 34.48 0.75 25.97
N SER A 212 34.53 1.98 26.48
CA SER A 212 33.35 2.86 26.71
C SER A 212 32.74 3.29 25.37
N LEU A 213 33.58 3.60 24.37
CA LEU A 213 33.15 3.99 23.01
C LEU A 213 32.36 2.83 22.37
N GLN A 214 32.90 1.61 22.46
CA GLN A 214 32.27 0.38 21.90
C GLN A 214 30.90 0.17 22.55
N ASP A 215 30.86 0.11 23.89
CA ASP A 215 29.65 -0.17 24.71
C ASP A 215 28.54 0.82 24.36
N LEU A 216 28.89 2.10 24.15
CA LEU A 216 27.93 3.18 23.79
C LEU A 216 27.44 2.97 22.36
N HIS A 217 28.34 2.59 21.44
CA HIS A 217 28.04 2.33 20.01
C HIS A 217 27.13 1.09 19.87
N GLU A 218 27.30 0.11 20.75
CA GLU A 218 26.45 -1.11 20.82
C GLU A 218 25.07 -0.75 21.41
N GLU A 219 25.03 0.24 22.31
CA GLU A 219 23.77 0.80 22.89
C GLU A 219 23.03 1.58 21.80
N MET A 220 23.75 2.27 20.92
CA MET A 220 23.18 3.09 19.82
C MET A 220 22.76 2.18 18.64
N ALA A 221 23.32 0.98 18.56
CA ALA A 221 22.90 -0.09 17.62
C ALA A 221 21.53 -0.64 18.06
N CYS A 222 21.33 -0.79 19.37
CA CYS A 222 20.04 -1.20 20.01
C CYS A 222 18.97 -0.14 19.73
N ILE A 223 19.31 1.14 19.90
CA ILE A 223 18.41 2.31 19.66
C ILE A 223 17.95 2.29 18.20
N LEU A 224 18.88 2.09 17.25
CA LEU A 224 18.61 2.17 15.79
C LEU A 224 17.69 1.02 15.36
N LYS A 225 17.96 -0.20 15.86
CA LYS A 225 17.11 -1.40 15.61
C LYS A 225 15.66 -1.09 16.02
N GLU A 226 15.48 -0.55 17.22
CA GLU A 226 14.15 -0.18 17.80
C GLU A 226 13.52 0.94 16.97
N ILE A 227 14.33 1.92 16.53
CA ILE A 227 13.90 3.05 15.64
C ILE A 227 13.41 2.47 14.31
N LEU A 228 14.21 1.58 13.71
CA LEU A 228 13.89 0.91 12.41
C LEU A 228 12.60 0.10 12.55
N GLN A 229 12.48 -0.69 13.62
CA GLN A 229 11.30 -1.57 13.88
C GLN A 229 10.06 -0.71 14.11
N GLU A 230 10.22 0.44 14.79
CA GLU A 230 9.12 1.42 15.02
C GLU A 230 8.66 2.01 13.69
N TYR A 231 9.60 2.29 12.77
CA TYR A 231 9.31 2.77 11.39
C TYR A 231 8.45 1.73 10.67
N LEU A 232 8.87 0.47 10.70
CA LEU A 232 8.23 -0.66 9.95
C LEU A 232 6.78 -0.85 10.42
N GLU A 233 6.53 -0.76 11.72
CA GLU A 233 5.18 -0.93 12.34
C GLU A 233 4.26 0.21 11.89
N ILE A 234 4.71 1.46 12.04
CA ILE A 234 3.93 2.67 11.66
C ILE A 234 3.68 2.66 10.15
N SER A 235 4.72 2.36 9.35
CA SER A 235 4.69 2.41 7.87
C SER A 235 4.14 1.11 7.28
N SER A 236 3.65 0.18 8.11
CA SER A 236 3.05 -1.10 7.69
C SER A 236 1.73 -0.86 6.97
N LEU A 237 1.60 -1.36 5.74
CA LEU A 237 0.36 -1.31 4.93
C LEU A 237 -0.41 -2.64 5.08
N VAL A 238 0.13 -3.58 5.86
CA VAL A 238 -0.47 -4.92 6.10
C VAL A 238 -0.87 -5.06 7.57
N GLN A 239 -0.76 -3.98 8.36
CA GLN A 239 -1.06 -3.98 9.82
C GLN A 239 -2.58 -4.12 10.02
N ASP A 240 -2.98 -4.45 11.25
CA ASP A 240 -4.36 -4.89 11.63
C ASP A 240 -5.40 -3.84 11.20
N GLU A 241 -5.07 -2.56 11.31
CA GLU A 241 -6.01 -1.42 11.02
C GLU A 241 -6.29 -1.33 9.52
N VAL A 242 -5.31 -1.68 8.67
CA VAL A 242 -5.46 -1.67 7.19
C VAL A 242 -6.29 -2.89 6.78
N VAL A 243 -6.03 -4.06 7.39
CA VAL A 243 -6.80 -5.32 7.19
C VAL A 243 -8.27 -5.07 7.54
N ALA A 244 -8.52 -4.41 8.68
CA ALA A 244 -9.86 -4.09 9.23
C ALA A 244 -10.69 -3.33 8.18
N ILE A 245 -10.06 -2.42 7.44
CA ILE A 245 -10.72 -1.59 6.37
C ILE A 245 -10.96 -2.47 5.15
N HIS A 246 -9.95 -3.22 4.70
CA HIS A 246 -9.97 -4.05 3.47
C HIS A 246 -11.01 -5.17 3.60
N ARG A 247 -11.26 -5.66 4.82
CA ARG A 247 -12.33 -6.65 5.12
C ARG A 247 -13.70 -5.98 4.99
N GLU A 248 -13.88 -4.81 5.60
CA GLU A 248 -15.13 -3.99 5.53
C GLU A 248 -15.48 -3.71 4.06
N MET A 249 -14.48 -3.42 3.23
CA MET A 249 -14.64 -3.19 1.77
C MET A 249 -15.14 -4.46 1.09
N ALA A 250 -14.42 -5.58 1.29
CA ALA A 250 -14.70 -6.90 0.67
C ALA A 250 -16.07 -7.42 1.12
N ALA A 251 -16.41 -7.22 2.41
CA ALA A 251 -17.70 -7.60 3.02
C ALA A 251 -18.85 -6.85 2.33
N ALA A 252 -18.64 -5.57 2.01
CA ALA A 252 -19.62 -4.68 1.34
C ALA A 252 -19.88 -5.18 -0.09
N ALA A 253 -18.83 -5.51 -0.83
CA ALA A 253 -18.88 -6.01 -2.23
C ALA A 253 -19.55 -7.40 -2.27
N ALA A 254 -19.28 -8.24 -1.26
CA ALA A 254 -19.81 -9.62 -1.13
C ALA A 254 -21.30 -9.59 -0.80
N ARG A 255 -21.77 -8.53 -0.10
CA ARG A 255 -23.20 -8.36 0.31
C ARG A 255 -24.09 -8.17 -0.93
N ILE A 256 -23.56 -7.61 -2.02
CA ILE A 256 -24.32 -7.30 -3.27
C ILE A 256 -25.04 -8.57 -3.74
N GLN A 257 -26.38 -8.52 -3.79
CA GLN A 257 -27.25 -9.59 -4.33
C GLN A 257 -27.82 -9.14 -5.68
N PRO A 258 -27.21 -9.55 -6.81
CA PRO A 258 -27.66 -9.11 -8.14
C PRO A 258 -29.17 -9.29 -8.40
N GLU A 259 -29.75 -10.41 -7.95
CA GLU A 259 -31.14 -10.82 -8.22
C GLU A 259 -32.11 -10.17 -7.24
N ALA A 260 -31.60 -9.40 -6.26
CA ALA A 260 -32.39 -8.61 -5.29
C ALA A 260 -32.00 -7.12 -5.40
N GLU A 261 -31.54 -6.69 -6.58
CA GLU A 261 -31.06 -5.31 -6.86
C GLU A 261 -32.27 -4.37 -6.94
N TYR A 262 -33.34 -4.79 -7.62
CA TYR A 262 -34.49 -3.94 -8.03
C TYR A 262 -35.76 -4.31 -7.25
N GLN A 263 -35.62 -4.92 -6.07
CA GLN A 263 -36.77 -5.27 -5.19
C GLN A 263 -37.29 -4.01 -4.50
N GLY A 264 -36.41 -3.27 -3.84
CA GLY A 264 -36.71 -1.97 -3.19
C GLY A 264 -37.19 -0.95 -4.19
N PHE A 265 -36.57 -0.92 -5.38
CA PHE A 265 -36.93 -0.07 -6.54
C PHE A 265 -38.40 -0.26 -6.90
N LEU A 266 -38.85 -1.53 -6.97
CA LEU A 266 -40.20 -1.92 -7.45
C LEU A 266 -41.25 -1.72 -6.35
N ARG A 267 -40.84 -1.57 -5.08
CA ARG A 267 -41.76 -1.36 -3.93
C ARG A 267 -42.21 0.11 -3.90
N GLN A 268 -41.35 1.03 -4.33
CA GLN A 268 -41.59 2.50 -4.30
C GLN A 268 -42.20 2.97 -5.62
N TYR A 269 -41.58 2.59 -6.75
CA TYR A 269 -41.91 3.10 -8.11
C TYR A 269 -42.85 2.14 -8.84
N GLY A 270 -43.17 0.98 -8.24
CA GLY A 270 -44.06 -0.04 -8.84
C GLY A 270 -45.52 0.39 -8.77
N SER A 271 -46.31 -0.04 -9.77
CA SER A 271 -47.77 0.21 -9.87
C SER A 271 -48.46 -1.03 -10.45
N ALA A 272 -49.79 -0.96 -10.64
CA ALA A 272 -50.59 -1.99 -11.33
C ALA A 272 -50.52 -1.74 -12.84
N PRO A 273 -50.42 -2.79 -13.68
CA PRO A 273 -50.35 -2.62 -15.13
C PRO A 273 -51.45 -1.69 -15.70
N ASP A 274 -51.04 -0.72 -16.52
CA ASP A 274 -51.96 0.18 -17.28
C ASP A 274 -52.44 -0.57 -18.53
N VAL A 275 -53.63 -1.19 -18.44
CA VAL A 275 -54.28 -1.93 -19.56
C VAL A 275 -55.51 -1.15 -20.00
N PRO A 276 -55.41 -0.34 -21.08
CA PRO A 276 -56.56 0.39 -21.62
C PRO A 276 -57.78 -0.47 -21.92
N PRO A 277 -58.97 0.13 -22.13
CA PRO A 277 -60.15 -0.62 -22.55
C PRO A 277 -59.96 -1.18 -23.97
N CYS A 278 -60.30 -2.45 -24.17
CA CYS A 278 -60.09 -3.21 -25.43
C CYS A 278 -61.13 -2.81 -26.48
N VAL A 279 -60.88 -3.13 -27.75
CA VAL A 279 -61.80 -2.88 -28.89
C VAL A 279 -62.96 -3.87 -28.78
N THR A 280 -64.19 -3.36 -28.60
CA THR A 280 -65.46 -4.13 -28.67
C THR A 280 -66.28 -3.59 -29.83
N PHE A 281 -66.85 -4.47 -30.65
CA PHE A 281 -67.63 -4.12 -31.87
C PHE A 281 -68.67 -3.05 -31.50
N ASP A 282 -68.58 -1.88 -32.14
CA ASP A 282 -69.45 -0.71 -31.85
C ASP A 282 -70.85 -0.98 -32.43
N GLU A 283 -71.88 -0.83 -31.60
CA GLU A 283 -73.31 -1.08 -31.96
C GLU A 283 -74.02 0.24 -32.28
N SER A 284 -73.26 1.29 -32.59
CA SER A 284 -73.75 2.61 -33.05
C SER A 284 -73.65 2.71 -34.58
N LEU A 285 -73.11 1.68 -35.24
CA LEU A 285 -72.85 1.63 -36.70
C LEU A 285 -73.75 0.58 -37.37
N LEU A 286 -74.75 0.06 -36.65
CA LEU A 286 -75.67 -1.00 -37.14
C LEU A 286 -77.04 -0.85 -36.48
N GLY A 295 -71.00 -8.26 -33.00
CA GLY A 295 -69.71 -8.66 -33.63
C GLY A 295 -69.82 -10.00 -34.33
N GLU A 296 -70.83 -10.14 -35.21
CA GLU A 296 -71.14 -11.40 -35.95
C GLU A 296 -70.93 -11.17 -37.45
N LEU A 297 -70.20 -12.09 -38.11
CA LEU A 297 -70.01 -12.09 -39.59
C LEU A 297 -71.35 -12.40 -40.26
N GLN A 298 -71.89 -11.44 -41.03
CA GLN A 298 -73.15 -11.62 -41.79
C GLN A 298 -72.89 -12.56 -42.98
N LEU A 299 -73.39 -13.80 -42.89
CA LEU A 299 -73.30 -14.82 -43.97
C LEU A 299 -74.65 -14.94 -44.67
N ASN A 300 -74.85 -14.15 -45.73
CA ASN A 300 -76.06 -14.19 -46.60
C ASN A 300 -75.62 -14.51 -48.03
N GLU A 301 -76.56 -14.49 -48.99
CA GLU A 301 -76.34 -14.88 -50.41
C GLU A 301 -75.31 -13.98 -51.08
N LEU A 302 -75.16 -12.74 -50.62
CA LEU A 302 -74.23 -11.72 -51.21
C LEU A 302 -72.82 -11.92 -50.67
N THR A 303 -72.67 -12.11 -49.36
CA THR A 303 -71.38 -12.12 -48.63
C THR A 303 -70.68 -13.49 -48.74
N VAL A 304 -71.44 -14.56 -49.00
CA VAL A 304 -70.97 -15.99 -48.92
C VAL A 304 -69.64 -16.13 -49.67
N GLU A 305 -69.55 -15.65 -50.91
CA GLU A 305 -68.36 -15.83 -51.79
C GLU A 305 -67.24 -14.88 -51.37
N SER A 306 -67.57 -13.79 -50.68
CA SER A 306 -66.59 -12.86 -50.04
C SER A 306 -65.93 -13.55 -48.84
N VAL A 307 -66.72 -14.29 -48.06
CA VAL A 307 -66.28 -15.01 -46.82
C VAL A 307 -65.39 -16.20 -47.23
N GLN A 308 -65.77 -16.92 -48.30
CA GLN A 308 -65.05 -18.12 -48.81
C GLN A 308 -63.65 -17.72 -49.28
N HIS A 309 -63.51 -16.55 -49.91
CA HIS A 309 -62.22 -16.02 -50.44
C HIS A 309 -61.36 -15.48 -49.29
N THR A 310 -61.97 -14.80 -48.32
CA THR A 310 -61.27 -14.19 -47.15
C THR A 310 -60.59 -15.28 -46.32
N LEU A 311 -61.25 -16.43 -46.15
CA LEU A 311 -60.70 -17.59 -45.38
C LEU A 311 -59.52 -18.19 -46.16
N THR A 312 -59.59 -18.19 -47.51
CA THR A 312 -58.50 -18.66 -48.41
C THR A 312 -57.27 -17.77 -48.22
N SER A 313 -57.45 -16.44 -48.25
CA SER A 313 -56.37 -15.43 -48.18
C SER A 313 -55.78 -15.38 -46.76
N VAL A 314 -56.63 -15.39 -45.72
CA VAL A 314 -56.22 -15.37 -44.29
C VAL A 314 -55.41 -16.63 -43.98
N THR A 315 -55.82 -17.79 -44.53
CA THR A 315 -55.10 -19.08 -44.40
C THR A 315 -53.71 -18.94 -45.03
N ASP A 316 -53.63 -18.35 -46.23
CA ASP A 316 -52.36 -18.10 -46.97
C ASP A 316 -51.45 -17.23 -46.12
N GLU A 317 -51.99 -16.20 -45.46
CA GLU A 317 -51.24 -15.25 -44.59
C GLU A 317 -50.72 -15.98 -43.34
N LEU A 318 -51.56 -16.82 -42.71
CA LEU A 318 -51.22 -17.52 -41.44
C LEU A 318 -50.07 -18.51 -41.67
N ALA A 319 -50.05 -19.19 -42.81
CA ALA A 319 -49.00 -20.16 -43.22
C ALA A 319 -47.68 -19.42 -43.42
N VAL A 320 -47.73 -18.17 -43.91
CA VAL A 320 -46.54 -17.27 -44.10
C VAL A 320 -46.12 -16.72 -42.72
N ALA A 321 -47.09 -16.43 -41.85
CA ALA A 321 -46.86 -15.91 -40.48
C ALA A 321 -46.26 -17.01 -39.60
N THR A 322 -46.67 -18.27 -39.79
CA THR A 322 -46.13 -19.47 -39.09
C THR A 322 -44.72 -19.76 -39.62
N GLU A 323 -44.48 -19.51 -40.90
CA GLU A 323 -43.14 -19.60 -41.55
C GLU A 323 -42.20 -18.57 -40.90
N MET A 324 -42.71 -17.36 -40.62
CA MET A 324 -41.96 -16.25 -40.00
C MET A 324 -41.59 -16.62 -38.56
N VAL A 325 -42.54 -17.15 -37.80
CA VAL A 325 -42.36 -17.62 -36.39
C VAL A 325 -41.25 -18.68 -36.36
N PHE A 326 -41.22 -19.58 -37.34
CA PHE A 326 -40.26 -20.71 -37.44
C PHE A 326 -38.83 -20.17 -37.60
N ARG A 327 -38.64 -19.22 -38.52
CA ARG A 327 -37.33 -18.58 -38.82
C ARG A 327 -36.76 -17.92 -37.56
N ARG A 328 -37.62 -17.24 -36.80
CA ARG A 328 -37.22 -16.40 -35.63
C ARG A 328 -37.00 -17.29 -34.39
N GLN A 329 -37.69 -18.43 -34.28
CA GLN A 329 -37.46 -19.43 -33.20
C GLN A 329 -36.15 -20.16 -33.47
N GLU A 330 -35.85 -20.47 -34.74
CA GLU A 330 -34.58 -21.10 -35.19
C GLU A 330 -33.42 -20.10 -34.98
N MET A 331 -33.69 -18.80 -35.11
CA MET A 331 -32.72 -17.71 -34.82
C MET A 331 -32.47 -17.64 -33.31
N VAL A 332 -33.53 -17.65 -32.51
CA VAL A 332 -33.48 -17.61 -31.01
C VAL A 332 -32.72 -18.84 -30.51
N THR A 333 -33.05 -20.02 -31.02
CA THR A 333 -32.45 -21.33 -30.62
C THR A 333 -30.93 -21.31 -30.91
N GLN A 334 -30.54 -20.80 -32.08
CA GLN A 334 -29.12 -20.71 -32.53
C GLN A 334 -28.35 -19.78 -31.58
N LEU A 335 -28.93 -18.62 -31.23
CA LEU A 335 -28.30 -17.59 -30.38
C LEU A 335 -28.28 -18.06 -28.91
N GLN A 336 -29.29 -18.81 -28.48
CA GLN A 336 -29.39 -19.37 -27.10
C GLN A 336 -28.29 -20.42 -26.88
N GLN A 337 -28.10 -21.31 -27.86
CA GLN A 337 -27.11 -22.43 -27.81
C GLN A 337 -25.68 -21.88 -27.97
N GLU A 338 -25.53 -20.79 -28.74
CA GLU A 338 -24.24 -20.07 -28.91
C GLU A 338 -23.83 -19.41 -27.59
N LEU A 339 -24.81 -18.91 -26.83
CA LEU A 339 -24.59 -18.20 -25.54
C LEU A 339 -24.22 -19.22 -24.45
N ARG A 340 -24.94 -20.34 -24.38
CA ARG A 340 -24.67 -21.48 -23.46
C ARG A 340 -23.22 -21.95 -23.65
N ASN A 341 -22.76 -22.01 -24.90
CA ASN A 341 -21.39 -22.46 -25.29
C ASN A 341 -20.35 -21.47 -24.75
N GLU A 342 -20.64 -20.17 -24.83
CA GLU A 342 -19.72 -19.08 -24.36
C GLU A 342 -19.80 -18.97 -22.83
N GLU A 343 -21.00 -19.09 -22.25
CA GLU A 343 -21.22 -19.11 -20.77
C GLU A 343 -20.28 -20.13 -20.12
N GLU A 344 -20.13 -21.31 -20.75
CA GLU A 344 -19.33 -22.45 -20.24
C GLU A 344 -17.83 -22.18 -20.43
N ASN A 345 -17.46 -21.43 -21.49
CA ASN A 345 -16.04 -21.18 -21.89
C ASN A 345 -15.69 -19.70 -21.70
N THR A 346 -16.15 -19.10 -20.60
CA THR A 346 -15.77 -17.73 -20.14
C THR A 346 -15.55 -17.75 -18.63
N HIS A 347 -14.42 -17.19 -18.17
CA HIS A 347 -14.11 -16.94 -16.73
C HIS A 347 -15.16 -15.99 -16.17
N PRO A 348 -15.71 -16.23 -14.96
CA PRO A 348 -16.84 -15.45 -14.45
C PRO A 348 -16.70 -13.93 -14.48
N ARG A 349 -15.46 -13.41 -14.46
CA ARG A 349 -15.15 -11.95 -14.46
C ARG A 349 -14.98 -11.43 -15.89
N GLU A 350 -14.99 -12.31 -16.89
CA GLU A 350 -14.84 -11.97 -18.34
C GLU A 350 -16.20 -12.10 -19.05
N ARG A 351 -17.30 -12.06 -18.29
CA ARG A 351 -18.68 -12.25 -18.80
C ARG A 351 -19.25 -10.94 -19.36
N VAL A 352 -18.54 -9.82 -19.14
CA VAL A 352 -18.92 -8.47 -19.66
C VAL A 352 -18.87 -8.47 -21.20
N GLN A 353 -18.14 -9.42 -21.78
CA GLN A 353 -17.98 -9.58 -23.26
C GLN A 353 -19.21 -10.28 -23.86
N LEU A 354 -20.09 -10.84 -23.04
CA LEU A 354 -21.30 -11.60 -23.49
C LEU A 354 -22.51 -10.68 -23.62
N LEU A 355 -22.43 -9.45 -23.11
CA LEU A 355 -23.54 -8.45 -23.14
C LEU A 355 -23.95 -8.17 -24.60
N GLY A 356 -22.99 -8.15 -25.52
CA GLY A 356 -23.21 -7.96 -26.96
C GLY A 356 -24.16 -9.00 -27.53
N LYS A 357 -23.84 -10.29 -27.32
CA LYS A 357 -24.59 -11.45 -27.86
C LYS A 357 -25.95 -11.57 -27.16
N ARG A 358 -26.02 -11.22 -25.87
CA ARG A 358 -27.25 -11.24 -25.03
C ARG A 358 -28.27 -10.22 -25.58
N GLN A 359 -27.79 -9.05 -26.01
CA GLN A 359 -28.63 -7.94 -26.57
C GLN A 359 -29.12 -8.31 -27.97
N VAL A 360 -28.32 -9.07 -28.74
CA VAL A 360 -28.69 -9.57 -30.09
C VAL A 360 -29.78 -10.63 -29.93
N LEU A 361 -29.69 -11.47 -28.89
CA LEU A 361 -30.73 -12.49 -28.53
C LEU A 361 -32.00 -11.78 -28.04
N GLN A 362 -31.84 -10.66 -27.32
CA GLN A 362 -32.95 -9.83 -26.78
C GLN A 362 -33.80 -9.32 -27.94
N GLU A 363 -33.16 -8.89 -29.04
CA GLU A 363 -33.82 -8.38 -30.27
C GLU A 363 -34.50 -9.55 -31.01
N ALA A 364 -33.85 -10.72 -31.04
CA ALA A 364 -34.35 -11.96 -31.69
C ALA A 364 -35.59 -12.47 -30.95
N LEU A 365 -35.61 -12.34 -29.62
CA LEU A 365 -36.71 -12.82 -28.73
C LEU A 365 -37.95 -11.93 -28.91
N GLN A 366 -37.77 -10.61 -29.03
CA GLN A 366 -38.88 -9.65 -29.29
C GLN A 366 -39.42 -9.90 -30.70
N GLY A 367 -38.53 -10.04 -31.69
CA GLY A 367 -38.87 -10.42 -33.07
C GLY A 367 -39.82 -11.61 -33.10
N LEU A 368 -39.46 -12.68 -32.39
CA LEU A 368 -40.28 -13.92 -32.25
C LEU A 368 -41.65 -13.58 -31.64
N GLN A 369 -41.66 -12.79 -30.56
CA GLN A 369 -42.87 -12.48 -29.76
C GLN A 369 -43.88 -11.69 -30.62
N VAL A 370 -43.38 -10.84 -31.53
CA VAL A 370 -44.21 -10.06 -32.50
C VAL A 370 -44.78 -11.02 -33.55
N ALA A 371 -43.95 -11.92 -34.07
CA ALA A 371 -44.32 -12.94 -35.09
C ALA A 371 -45.45 -13.83 -34.55
N LEU A 372 -45.41 -14.17 -33.25
CA LEU A 372 -46.46 -14.93 -32.55
C LEU A 372 -47.74 -14.10 -32.48
N CYS A 373 -47.62 -12.81 -32.12
CA CYS A 373 -48.74 -11.83 -32.07
C CYS A 373 -49.39 -11.72 -33.47
N SER A 374 -48.57 -11.59 -34.51
CA SER A 374 -48.99 -11.49 -35.93
C SER A 374 -49.66 -12.80 -36.38
N GLN A 375 -49.04 -13.94 -36.06
CA GLN A 375 -49.59 -15.31 -36.33
C GLN A 375 -50.94 -15.44 -35.62
N ALA A 376 -50.98 -15.15 -34.32
CA ALA A 376 -52.17 -15.30 -33.43
C ALA A 376 -53.35 -14.52 -34.03
N LYS A 377 -53.12 -13.24 -34.39
CA LYS A 377 -54.15 -12.34 -34.98
C LYS A 377 -54.85 -13.04 -36.15
N LEU A 378 -54.06 -13.59 -37.08
CA LEU A 378 -54.56 -14.27 -38.31
C LEU A 378 -55.33 -15.56 -37.95
N GLN A 379 -54.93 -16.22 -36.85
CA GLN A 379 -55.60 -17.45 -36.33
C GLN A 379 -57.02 -17.10 -35.87
N ALA A 380 -57.15 -16.04 -35.06
CA ALA A 380 -58.44 -15.56 -34.51
C ALA A 380 -59.38 -15.12 -35.65
N GLN A 381 -58.83 -14.51 -36.70
CA GLN A 381 -59.59 -14.10 -37.91
C GLN A 381 -60.04 -15.34 -38.69
N GLN A 382 -59.13 -16.30 -38.89
CA GLN A 382 -59.40 -17.60 -39.57
C GLN A 382 -60.52 -18.34 -38.83
N GLU A 383 -60.48 -18.33 -37.50
CA GLU A 383 -61.47 -19.02 -36.62
C GLU A 383 -62.88 -18.52 -36.95
N LEU A 384 -63.10 -17.20 -36.90
CA LEU A 384 -64.41 -16.55 -37.16
C LEU A 384 -64.98 -17.01 -38.50
N LEU A 385 -64.14 -16.98 -39.56
CA LEU A 385 -64.52 -17.32 -40.95
C LEU A 385 -64.92 -18.81 -41.03
N GLN A 386 -64.07 -19.70 -40.52
CA GLN A 386 -64.24 -21.18 -40.58
C GLN A 386 -65.47 -21.60 -39.76
N THR A 387 -65.65 -21.01 -38.56
CA THR A 387 -66.77 -21.33 -37.63
C THR A 387 -68.11 -20.94 -38.26
N LYS A 388 -68.19 -19.76 -38.89
CA LYS A 388 -69.43 -19.22 -39.50
C LYS A 388 -69.75 -19.97 -40.80
N LEU A 389 -68.72 -20.40 -41.55
CA LEU A 389 -68.87 -21.14 -42.84
C LEU A 389 -69.36 -22.57 -42.56
N GLU A 390 -69.14 -23.09 -41.35
CA GLU A 390 -69.62 -24.44 -40.93
C GLU A 390 -71.06 -24.32 -40.41
N HIS A 391 -71.33 -23.36 -39.52
CA HIS A 391 -72.67 -23.12 -38.89
C HIS A 391 -73.76 -23.15 -39.96
N LEU A 392 -73.46 -22.65 -41.17
CA LEU A 392 -74.34 -22.79 -42.37
C LEU A 392 -74.27 -24.24 -42.87
N GLY A 393 -73.05 -24.71 -43.18
CA GLY A 393 -72.78 -26.08 -43.66
C GLY A 393 -73.32 -26.31 -45.07
N PRO A 394 -74.26 -27.27 -45.26
CA PRO A 394 -74.83 -27.54 -46.57
C PRO A 394 -76.05 -26.66 -46.91
N GLY A 395 -76.44 -25.78 -45.98
CA GLY A 395 -77.63 -24.92 -46.09
C GLY A 395 -77.49 -23.88 -47.19
N GLU A 396 -78.62 -23.39 -47.70
CA GLU A 396 -78.69 -22.34 -48.76
C GLU A 396 -78.24 -21.02 -48.17
N PRO A 397 -77.23 -20.34 -48.75
CA PRO A 397 -76.81 -19.01 -48.29
C PRO A 397 -78.02 -18.12 -47.98
N PRO A 398 -78.29 -17.81 -46.70
CA PRO A 398 -79.49 -17.06 -46.32
C PRO A 398 -79.82 -15.92 -47.28
N PRO A 399 -81.05 -15.88 -47.85
CA PRO A 399 -81.41 -14.84 -48.82
C PRO A 399 -81.63 -13.47 -48.17
N VAL A 400 -81.34 -12.40 -48.92
CA VAL A 400 -81.49 -10.97 -48.46
C VAL A 400 -82.94 -10.55 -48.63
N LEU A 401 -83.65 -10.36 -47.51
CA LEU A 401 -85.09 -9.96 -47.48
C LEU A 401 -85.19 -8.43 -47.41
N LEU A 402 -85.85 -7.81 -48.38
CA LEU A 402 -86.09 -6.35 -48.47
C LEU A 402 -87.59 -6.06 -48.29
N LEU A 403 -88.00 -5.60 -47.11
CA LEU A 403 -89.40 -5.30 -46.75
C LEU A 403 -89.75 -3.89 -47.24
#